data_5CMK
#
_entry.id   5CMK
#
_cell.length_a   102.759
_cell.length_b   102.759
_cell.length_c   281.992
_cell.angle_alpha   90.00
_cell.angle_beta   90.00
_cell.angle_gamma   120.00
#
_symmetry.space_group_name_H-M   'P 61 2 2'
#
loop_
_entity.id
_entity.type
_entity.pdbx_description
1 polymer 'Glutamate receptor ionotropic, kainate 2'
2 non-polymer 'GLUTAMIC ACID'
3 non-polymer 'LITHIUM ION'
4 non-polymer 'CHLORIDE ION'
5 non-polymer '(3S,4aR,6S,8aR)-6-{[(2S)-2-carboxy-4,4-difluoropyrrolidin-1-yl]methyl}decahydroisoquinoline-3-carboxylic acid'
6 non-polymer 'SULFATE ION'
7 water water
#
_entity_poly.entity_id   1
_entity_poly.type   'polypeptide(L)'
_entity_poly.pdbx_seq_one_letter_code
;GSNRSLIVTTILEEPYVLFKKSDKPLYGNDRFEGYCIDLLRELSTILGFTYEIRLVEDGKYGAQDDVNGQWNGMVRELID
HKADLAVAPLTITYVREKVIDFSKPFMTLGISILYRKGTPIDSADDLAKQTKIEYGAVEDGSTMTFFKKSKISTYDKMWA
FMSSRRQSVLVKSSEEGIQRVLTSDYALLMESTTIEFVTQRNCNLTQIGGLIDSKGYGVGTPMGSPYRDKITIAILQLQE
EGKLHMMKEKWWRGNGCPE
;
_entity_poly.pdbx_strand_id   A,B
#
# COMPACT_ATOMS: atom_id res chain seq x y z
N ASN A 3 3.26 -27.82 -13.66
CA ASN A 3 2.50 -28.76 -14.47
C ASN A 3 1.12 -29.04 -13.87
N ARG A 4 1.10 -29.52 -12.62
CA ARG A 4 -0.15 -29.87 -11.94
C ARG A 4 -0.95 -28.63 -11.49
N SER A 5 -2.28 -28.69 -11.57
CA SER A 5 -3.11 -27.59 -11.05
C SER A 5 -2.74 -27.19 -9.64
N LEU A 6 -2.67 -25.89 -9.36
CA LEU A 6 -2.61 -25.41 -8.00
C LEU A 6 -3.98 -25.44 -7.34
N ILE A 7 -4.00 -25.58 -6.04
CA ILE A 7 -5.19 -25.40 -5.25
C ILE A 7 -5.19 -23.97 -4.69
N VAL A 8 -6.25 -23.22 -4.98
CA VAL A 8 -6.33 -21.81 -4.53
C VAL A 8 -7.47 -21.66 -3.57
N THR A 9 -7.17 -21.24 -2.35
CA THR A 9 -8.21 -21.05 -1.39
C THR A 9 -8.66 -19.59 -1.42
N THR A 10 -9.94 -19.39 -1.17
CA THR A 10 -10.52 -18.06 -1.17
C THR A 10 -11.76 -18.06 -0.30
N ILE A 11 -12.47 -16.93 -0.28
CA ILE A 11 -13.59 -16.74 0.62
C ILE A 11 -14.61 -15.85 -0.05
N LEU A 12 -15.89 -16.02 0.28
CA LEU A 12 -16.95 -15.21 -0.30
C LEU A 12 -16.99 -13.85 0.38
N GLU A 13 -16.77 -12.80 -0.40
CA GLU A 13 -16.80 -11.40 0.08
C GLU A 13 -16.93 -10.50 -1.13
N GLU A 14 -18.05 -9.80 -1.29
CA GLU A 14 -18.23 -8.94 -2.46
C GLU A 14 -17.45 -7.63 -2.30
N PRO A 15 -16.92 -7.08 -3.40
CA PRO A 15 -16.96 -7.56 -4.78
C PRO A 15 -15.74 -8.39 -5.16
N TYR A 16 -15.03 -8.91 -4.17
CA TYR A 16 -13.79 -9.66 -4.43
C TYR A 16 -14.06 -11.05 -5.01
N VAL A 17 -14.98 -11.77 -4.37
CA VAL A 17 -15.33 -13.15 -4.74
C VAL A 17 -16.82 -13.33 -4.45
N LEU A 18 -17.58 -13.74 -5.46
CA LEU A 18 -18.99 -14.00 -5.30
C LEU A 18 -19.43 -15.07 -6.29
N PHE A 19 -20.55 -15.72 -5.99
CA PHE A 19 -21.10 -16.66 -6.96
C PHE A 19 -21.64 -15.90 -8.15
N LYS A 20 -21.31 -16.37 -9.33
CA LYS A 20 -21.87 -15.79 -10.53
C LYS A 20 -23.31 -16.14 -10.73
N LYS A 21 -24.15 -15.13 -10.90
CA LYS A 21 -25.58 -15.38 -11.09
C LYS A 21 -25.82 -16.16 -12.37
N SER A 22 -26.71 -17.15 -12.30
N SER A 22 -26.75 -17.12 -12.28
CA SER A 22 -27.08 -17.93 -13.46
CA SER A 22 -27.02 -18.03 -13.38
C SER A 22 -28.43 -18.58 -13.18
C SER A 22 -28.38 -18.72 -13.15
N ASP A 23 -29.05 -19.10 -14.24
CA ASP A 23 -30.32 -19.82 -14.17
C ASP A 23 -30.13 -21.31 -13.91
N LYS A 24 -29.00 -21.86 -14.38
CA LYS A 24 -28.64 -23.27 -14.23
C LYS A 24 -27.28 -23.40 -13.58
N PRO A 25 -27.00 -24.57 -13.02
CA PRO A 25 -25.73 -24.74 -12.31
C PRO A 25 -24.52 -24.49 -13.19
N LEU A 26 -23.58 -23.78 -12.58
CA LEU A 26 -22.25 -23.58 -13.17
C LEU A 26 -21.24 -24.55 -12.54
N TYR A 27 -20.15 -24.79 -13.26
CA TYR A 27 -19.19 -25.82 -12.90
C TYR A 27 -17.84 -25.26 -12.50
N GLY A 28 -17.30 -25.80 -11.42
CA GLY A 28 -15.91 -25.57 -11.09
C GLY A 28 -15.63 -24.10 -10.85
N ASN A 29 -14.55 -23.62 -11.47
CA ASN A 29 -14.16 -22.23 -11.28
C ASN A 29 -15.17 -21.24 -11.88
N ASP A 30 -16.01 -21.71 -12.84
N ASP A 30 -16.02 -21.72 -12.80
CA ASP A 30 -17.03 -20.85 -13.46
CA ASP A 30 -16.99 -20.87 -13.46
C ASP A 30 -18.05 -20.33 -12.45
C ASP A 30 -18.12 -20.44 -12.52
N ARG A 31 -18.20 -21.04 -11.33
CA ARG A 31 -19.16 -20.63 -10.31
C ARG A 31 -18.89 -19.23 -9.79
N PHE A 32 -17.64 -18.76 -9.91
CA PHE A 32 -17.18 -17.55 -9.22
C PHE A 32 -16.89 -16.38 -10.16
N GLU A 33 -17.11 -15.17 -9.68
CA GLU A 33 -16.59 -13.95 -10.36
C GLU A 33 -16.19 -12.97 -9.26
N GLY A 34 -15.51 -11.91 -9.69
CA GLY A 34 -15.14 -10.82 -8.82
C GLY A 34 -13.72 -10.35 -9.08
N TYR A 35 -13.32 -9.33 -8.33
CA TYR A 35 -12.00 -8.73 -8.49
C TYR A 35 -10.90 -9.75 -8.28
N CYS A 36 -11.00 -10.57 -7.22
CA CYS A 36 -9.95 -11.52 -6.94
C CYS A 36 -9.93 -12.67 -7.91
N ILE A 37 -11.08 -13.01 -8.49
CA ILE A 37 -11.17 -14.05 -9.52
C ILE A 37 -10.48 -13.53 -10.79
N ASP A 38 -10.70 -12.25 -11.13
CA ASP A 38 -9.97 -11.63 -12.24
C ASP A 38 -8.45 -11.56 -11.96
N LEU A 39 -8.06 -11.20 -10.73
CA LEU A 39 -6.64 -11.16 -10.36
C LEU A 39 -6.01 -12.53 -10.56
N LEU A 40 -6.66 -13.57 -10.04
CA LEU A 40 -6.17 -14.94 -10.16
C LEU A 40 -5.97 -15.31 -11.62
N ARG A 41 -6.93 -14.98 -12.47
N ARG A 41 -6.94 -14.96 -12.45
CA ARG A 41 -6.77 -15.30 -13.89
CA ARG A 41 -6.83 -15.22 -13.89
C ARG A 41 -5.56 -14.57 -14.49
C ARG A 41 -5.61 -14.55 -14.51
N GLU A 42 -5.38 -13.29 -14.18
CA GLU A 42 -4.23 -12.56 -14.73
C GLU A 42 -2.91 -13.14 -14.22
N LEU A 43 -2.87 -13.49 -12.93
CA LEU A 43 -1.65 -14.09 -12.38
C LEU A 43 -1.35 -15.43 -13.07
N SER A 44 -2.38 -16.19 -13.34
CA SER A 44 -2.19 -17.51 -13.96
C SER A 44 -1.68 -17.38 -15.38
N THR A 45 -2.09 -16.32 -16.05
CA THR A 45 -1.61 -16.01 -17.40
C THR A 45 -0.15 -15.64 -17.41
N ILE A 46 0.25 -14.79 -16.47
CA ILE A 46 1.65 -14.37 -16.42
C ILE A 46 2.55 -15.52 -16.00
N LEU A 47 2.16 -16.26 -14.99
CA LEU A 47 3.01 -17.29 -14.42
C LEU A 47 2.85 -18.68 -15.07
N GLY A 48 1.76 -18.89 -15.79
CA GLY A 48 1.53 -20.15 -16.49
C GLY A 48 1.10 -21.34 -15.64
N PHE A 49 0.13 -21.18 -14.76
CA PHE A 49 -0.38 -22.33 -13.99
C PHE A 49 -1.89 -22.45 -14.23
N THR A 50 -2.41 -23.67 -14.06
CA THR A 50 -3.86 -23.87 -13.93
C THR A 50 -4.18 -24.03 -12.47
N TYR A 51 -5.47 -23.99 -12.12
CA TYR A 51 -5.81 -23.92 -10.71
C TYR A 51 -7.24 -24.35 -10.49
N GLU A 52 -7.51 -24.86 -9.31
CA GLU A 52 -8.85 -25.12 -8.83
C GLU A 52 -9.15 -24.24 -7.64
N ILE A 53 -10.22 -23.47 -7.74
CA ILE A 53 -10.67 -22.63 -6.62
C ILE A 53 -11.45 -23.47 -5.63
N ARG A 54 -11.07 -23.39 -4.36
CA ARG A 54 -11.83 -24.04 -3.28
C ARG A 54 -12.09 -23.06 -2.17
N LEU A 55 -13.36 -22.87 -1.79
CA LEU A 55 -13.64 -21.94 -0.71
C LEU A 55 -13.10 -22.51 0.58
N VAL A 56 -12.53 -21.64 1.42
CA VAL A 56 -11.89 -22.03 2.68
C VAL A 56 -12.87 -22.90 3.50
N GLU A 57 -12.41 -24.04 3.92
CA GLU A 57 -13.36 -25.02 4.52
C GLU A 57 -14.10 -24.52 5.75
N ASP A 58 -13.43 -23.76 6.63
CA ASP A 58 -14.09 -23.23 7.83
C ASP A 58 -14.67 -21.83 7.68
N GLY A 59 -14.62 -21.25 6.49
CA GLY A 59 -15.30 -20.00 6.26
C GLY A 59 -14.61 -18.79 6.87
N LYS A 60 -13.37 -18.94 7.34
CA LYS A 60 -12.68 -17.86 8.06
C LYS A 60 -11.45 -17.31 7.33
N TYR A 61 -11.13 -16.05 7.62
CA TYR A 61 -9.91 -15.44 7.08
C TYR A 61 -8.70 -15.97 7.78
N GLY A 62 -8.63 -15.76 9.09
CA GLY A 62 -7.65 -16.47 9.87
C GLY A 62 -7.17 -15.71 11.08
N ALA A 63 -7.26 -16.36 12.22
CA ALA A 63 -6.79 -15.77 13.46
C ALA A 63 -6.29 -16.85 14.39
N GLN A 64 -5.49 -16.43 15.34
CA GLN A 64 -4.85 -17.36 16.24
C GLN A 64 -5.74 -17.62 17.45
N ASP A 65 -5.91 -18.89 17.78
CA ASP A 65 -6.60 -19.26 19.00
C ASP A 65 -5.65 -19.01 20.17
N ASP A 66 -6.06 -18.18 21.11
CA ASP A 66 -5.19 -17.76 22.21
C ASP A 66 -4.81 -18.94 23.13
N VAL A 67 -5.75 -19.88 23.32
CA VAL A 67 -5.53 -20.97 24.25
C VAL A 67 -4.51 -22.01 23.75
N ASN A 68 -4.69 -22.53 22.53
CA ASN A 68 -3.82 -23.58 21.99
C ASN A 68 -2.81 -23.06 20.98
N GLY A 69 -3.00 -21.81 20.56
CA GLY A 69 -2.06 -21.14 19.67
C GLY A 69 -2.25 -21.43 18.19
N GLN A 70 -3.21 -22.29 17.86
CA GLN A 70 -3.39 -22.73 16.48
C GLN A 70 -4.11 -21.67 15.64
N TRP A 71 -3.75 -21.63 14.37
CA TRP A 71 -4.44 -20.76 13.42
C TRP A 71 -5.67 -21.44 12.83
N ASN A 72 -6.62 -20.64 12.34
CA ASN A 72 -7.74 -21.15 11.54
C ASN A 72 -7.80 -20.43 10.19
N GLY A 73 -8.86 -20.70 9.44
CA GLY A 73 -9.07 -20.01 8.19
C GLY A 73 -8.13 -20.30 7.07
N MET A 74 -8.01 -19.34 6.14
CA MET A 74 -7.14 -19.46 5.00
C MET A 74 -5.68 -19.54 5.46
N VAL A 75 -5.37 -18.85 6.54
CA VAL A 75 -3.99 -18.83 7.03
C VAL A 75 -3.60 -20.26 7.46
N ARG A 76 -4.49 -20.93 8.18
CA ARG A 76 -4.21 -22.33 8.56
C ARG A 76 -4.14 -23.25 7.38
N GLU A 77 -4.99 -23.06 6.36
CA GLU A 77 -4.91 -23.90 5.16
C GLU A 77 -3.54 -23.76 4.50
N LEU A 78 -2.98 -22.57 4.50
CA LEU A 78 -1.68 -22.43 3.89
C LEU A 78 -0.60 -23.10 4.76
N ILE A 79 -0.69 -22.85 6.06
CA ILE A 79 0.29 -23.40 7.00
C ILE A 79 0.33 -24.93 6.81
N ASP A 80 -0.82 -25.55 6.65
CA ASP A 80 -0.86 -27.01 6.54
C ASP A 80 -0.75 -27.55 5.13
N HIS A 81 -0.39 -26.69 4.17
CA HIS A 81 -0.29 -27.05 2.75
C HIS A 81 -1.55 -27.71 2.17
N LYS A 82 -2.71 -27.23 2.60
CA LYS A 82 -4.01 -27.62 2.05
C LYS A 82 -4.35 -26.81 0.79
N ALA A 83 -3.64 -25.71 0.61
CA ALA A 83 -3.77 -24.87 -0.57
C ALA A 83 -2.39 -24.36 -0.94
N ASP A 84 -2.18 -24.10 -2.22
CA ASP A 84 -0.93 -23.50 -2.73
C ASP A 84 -0.93 -21.97 -2.59
N LEU A 85 -2.09 -21.36 -2.84
CA LEU A 85 -2.24 -19.90 -2.81
C LEU A 85 -3.55 -19.59 -2.11
N ALA A 86 -3.60 -18.43 -1.50
CA ALA A 86 -4.84 -17.82 -1.07
C ALA A 86 -4.97 -16.52 -1.83
N VAL A 87 -5.96 -16.42 -2.70
CA VAL A 87 -6.19 -15.22 -3.48
C VAL A 87 -7.54 -14.69 -3.07
N ALA A 88 -7.51 -13.61 -2.31
CA ALA A 88 -8.65 -13.19 -1.50
C ALA A 88 -8.30 -11.82 -0.96
N PRO A 89 -9.29 -11.10 -0.40
CA PRO A 89 -8.98 -9.83 0.29
C PRO A 89 -8.43 -10.15 1.65
N LEU A 90 -7.21 -10.69 1.59
CA LEU A 90 -6.49 -11.19 2.77
C LEU A 90 -5.46 -10.14 3.21
N THR A 91 -5.68 -9.62 4.39
CA THR A 91 -4.87 -8.51 4.86
C THR A 91 -3.53 -8.97 5.34
N ILE A 92 -2.50 -8.25 4.88
CA ILE A 92 -1.13 -8.45 5.29
C ILE A 92 -0.90 -7.83 6.66
N THR A 93 -0.60 -8.67 7.64
CA THR A 93 -0.38 -8.20 9.01
C THR A 93 0.89 -8.84 9.52
N TYR A 94 1.54 -8.23 10.51
CA TYR A 94 2.81 -8.78 10.94
C TYR A 94 2.62 -10.13 11.62
N VAL A 95 1.53 -10.37 12.33
CA VAL A 95 1.34 -11.68 12.94
C VAL A 95 1.17 -12.80 11.95
N ARG A 96 0.45 -12.53 10.86
CA ARG A 96 0.32 -13.49 9.80
C ARG A 96 1.60 -13.68 9.00
N GLU A 97 2.34 -12.59 8.77
CA GLU A 97 3.57 -12.67 7.98
C GLU A 97 4.63 -13.52 8.71
N LYS A 98 4.49 -13.68 10.03
CA LYS A 98 5.36 -14.59 10.76
C LYS A 98 5.11 -16.06 10.47
N VAL A 99 3.93 -16.42 9.94
CA VAL A 99 3.60 -17.84 9.77
C VAL A 99 3.27 -18.24 8.33
N ILE A 100 2.98 -17.27 7.45
CA ILE A 100 2.88 -17.52 6.02
C ILE A 100 3.71 -16.49 5.26
N ASP A 101 3.86 -16.71 3.96
CA ASP A 101 4.57 -15.79 3.06
C ASP A 101 3.57 -15.02 2.18
N PHE A 102 3.42 -13.72 2.37
CA PHE A 102 2.60 -12.90 1.49
C PHE A 102 3.35 -12.31 0.29
N SER A 103 2.70 -12.23 -0.87
CA SER A 103 3.13 -11.32 -1.92
C SER A 103 3.11 -9.87 -1.44
N LYS A 104 3.70 -9.01 -2.23
CA LYS A 104 3.50 -7.62 -2.00
C LYS A 104 2.03 -7.25 -2.28
N PRO A 105 1.59 -6.14 -1.74
CA PRO A 105 0.15 -5.83 -1.82
C PRO A 105 -0.36 -5.48 -3.20
N PHE A 106 -1.55 -5.96 -3.51
CA PHE A 106 -2.22 -5.59 -4.77
C PHE A 106 -3.26 -4.50 -4.60
N MET A 107 -3.60 -4.18 -3.36
CA MET A 107 -4.60 -3.14 -3.06
C MET A 107 -4.30 -2.58 -1.70
N THR A 108 -4.45 -1.26 -1.53
CA THR A 108 -4.26 -0.65 -0.20
C THR A 108 -5.58 -0.38 0.44
N LEU A 109 -5.58 -0.29 1.75
CA LEU A 109 -6.81 -0.10 2.48
C LEU A 109 -6.48 0.29 3.92
N GLY A 110 -7.53 0.56 4.67
CA GLY A 110 -7.42 0.81 6.08
C GLY A 110 -8.76 0.51 6.73
N ILE A 111 -8.72 0.25 8.03
CA ILE A 111 -9.93 0.03 8.79
C ILE A 111 -10.67 1.33 8.88
N SER A 112 -11.99 1.27 8.71
CA SER A 112 -12.83 2.43 8.95
C SER A 112 -14.18 2.01 9.51
N ILE A 113 -15.14 2.93 9.48
CA ILE A 113 -16.43 2.71 10.15
C ILE A 113 -17.56 2.84 9.16
N LEU A 114 -18.46 1.86 9.15
CA LEU A 114 -19.67 1.87 8.34
C LEU A 114 -20.86 2.13 9.27
N TYR A 115 -21.62 3.15 8.95
CA TYR A 115 -22.73 3.57 9.81
C TYR A 115 -23.78 4.27 8.97
N ARG A 116 -24.91 4.56 9.59
CA ARG A 116 -25.99 5.25 8.89
C ARG A 116 -25.61 6.73 8.76
N LYS A 117 -26.18 7.40 7.76
CA LYS A 117 -25.93 8.82 7.53
C LYS A 117 -26.64 9.72 8.56
N GLY A 118 -26.24 10.98 8.60
CA GLY A 118 -26.97 12.00 9.33
C GLY A 118 -26.82 12.08 10.83
N THR A 119 -25.83 11.39 11.41
CA THR A 119 -25.65 11.36 12.85
C THR A 119 -24.49 12.25 13.30
N PRO A 120 -24.38 12.49 14.61
CA PRO A 120 -23.27 13.30 15.14
C PRO A 120 -21.95 12.55 15.25
N ILE A 121 -21.94 11.24 14.99
CA ILE A 121 -20.73 10.42 15.14
C ILE A 121 -19.77 10.70 13.99
N ASP A 122 -18.52 11.00 14.31
CA ASP A 122 -17.58 11.39 13.27
C ASP A 122 -16.20 10.71 13.37
N SER A 123 -16.01 9.84 14.35
CA SER A 123 -14.71 9.24 14.58
C SER A 123 -14.84 8.02 15.44
N ALA A 124 -13.79 7.20 15.47
CA ALA A 124 -13.75 6.09 16.41
C ALA A 124 -13.87 6.62 17.86
N ASP A 125 -13.27 7.77 18.11
CA ASP A 125 -13.31 8.30 19.47
C ASP A 125 -14.74 8.56 19.95
N ASP A 126 -15.58 9.14 19.10
CA ASP A 126 -16.99 9.32 19.45
C ASP A 126 -17.66 8.00 19.83
N LEU A 127 -17.28 6.92 19.15
CA LEU A 127 -17.87 5.63 19.43
C LEU A 127 -17.31 5.12 20.76
N ALA A 128 -16.00 5.27 20.94
CA ALA A 128 -15.35 4.72 22.11
C ALA A 128 -15.91 5.34 23.39
N LYS A 129 -16.39 6.58 23.30
CA LYS A 129 -16.71 7.34 24.51
C LYS A 129 -18.21 7.33 24.84
N GLN A 130 -18.95 6.40 24.23
CA GLN A 130 -20.35 6.19 24.57
C GLN A 130 -20.67 4.69 24.52
N THR A 131 -21.93 4.32 24.81
CA THR A 131 -22.31 2.90 24.89
C THR A 131 -23.64 2.60 24.22
N LYS A 132 -24.39 3.66 23.92
CA LYS A 132 -25.68 3.56 23.25
C LYS A 132 -25.57 2.86 21.90
N ILE A 133 -24.68 3.39 21.06
CA ILE A 133 -24.39 2.79 19.75
C ILE A 133 -23.38 1.66 19.93
N GLU A 134 -23.75 0.45 19.54
CA GLU A 134 -22.86 -0.69 19.63
C GLU A 134 -22.01 -0.75 18.36
N TYR A 135 -20.92 -1.51 18.42
CA TYR A 135 -20.03 -1.61 17.26
C TYR A 135 -19.23 -2.89 17.35
N GLY A 136 -18.77 -3.39 16.20
CA GLY A 136 -18.05 -4.65 16.18
C GLY A 136 -17.39 -4.86 14.83
N ALA A 137 -16.99 -6.08 14.58
CA ALA A 137 -16.20 -6.44 13.41
C ALA A 137 -16.51 -7.90 13.07
N VAL A 138 -16.00 -8.36 11.94
CA VAL A 138 -16.13 -9.77 11.56
C VAL A 138 -15.21 -10.65 12.43
N GLU A 139 -15.77 -11.71 13.02
CA GLU A 139 -14.99 -12.67 13.83
C GLU A 139 -13.81 -13.26 13.10
N ASP A 140 -12.68 -13.29 13.77
CA ASP A 140 -11.47 -13.95 13.28
C ASP A 140 -10.91 -13.34 12.00
N GLY A 141 -11.14 -12.06 11.83
CA GLY A 141 -10.47 -11.36 10.74
C GLY A 141 -9.46 -10.40 11.35
N SER A 142 -8.73 -9.74 10.48
CA SER A 142 -7.66 -8.84 10.88
C SER A 142 -8.14 -7.59 11.55
N THR A 143 -9.39 -7.19 11.28
CA THR A 143 -9.90 -5.99 11.95
C THR A 143 -10.10 -6.30 13.45
N MET A 144 -10.74 -7.44 13.72
CA MET A 144 -10.89 -7.89 15.10
C MET A 144 -9.53 -7.97 15.77
N THR A 145 -8.56 -8.58 15.09
CA THR A 145 -7.24 -8.79 15.67
C THR A 145 -6.50 -7.47 15.89
N PHE A 146 -6.69 -6.49 15.01
CA PHE A 146 -6.12 -5.17 15.23
C PHE A 146 -6.56 -4.63 16.60
N PHE A 147 -7.86 -4.67 16.87
CA PHE A 147 -8.37 -4.11 18.12
C PHE A 147 -7.91 -4.94 19.32
N LYS A 148 -7.89 -6.25 19.15
CA LYS A 148 -7.50 -7.16 20.24
C LYS A 148 -6.07 -6.87 20.70
N LYS A 149 -5.23 -6.46 19.77
CA LYS A 149 -3.78 -6.27 20.05
C LYS A 149 -3.39 -4.83 20.27
N SER A 150 -4.30 -3.89 20.04
CA SER A 150 -3.90 -2.49 20.03
C SER A 150 -3.56 -1.95 21.42
N LYS A 151 -2.46 -1.22 21.47
CA LYS A 151 -2.10 -0.50 22.71
C LYS A 151 -2.52 0.97 22.64
N ILE A 152 -3.10 1.38 21.53
CA ILE A 152 -3.56 2.75 21.38
C ILE A 152 -4.79 2.86 22.25
N SER A 153 -4.91 3.96 23.01
N SER A 153 -4.91 3.96 23.01
CA SER A 153 -5.91 4.08 24.06
CA SER A 153 -5.91 4.05 24.07
C SER A 153 -7.34 3.90 23.56
C SER A 153 -7.34 3.88 23.56
N THR A 154 -7.70 4.63 22.51
CA THR A 154 -9.04 4.56 21.96
C THR A 154 -9.43 3.13 21.54
N TYR A 155 -8.51 2.49 20.82
CA TYR A 155 -8.81 1.19 20.25
C TYR A 155 -8.75 0.12 21.33
N ASP A 156 -7.92 0.32 22.34
CA ASP A 156 -7.91 -0.58 23.49
C ASP A 156 -9.25 -0.53 24.22
N LYS A 157 -9.82 0.66 24.29
CA LYS A 157 -11.12 0.87 24.90
C LYS A 157 -12.20 0.14 24.12
N MET A 158 -12.14 0.29 22.80
CA MET A 158 -13.10 -0.34 21.92
C MET A 158 -13.04 -1.85 22.05
N TRP A 159 -11.84 -2.41 22.25
CA TRP A 159 -11.74 -3.85 22.35
C TRP A 159 -12.34 -4.32 23.66
N ALA A 160 -12.21 -3.49 24.69
CA ALA A 160 -12.80 -3.82 25.99
C ALA A 160 -14.32 -4.00 25.82
N PHE A 161 -14.97 -3.02 25.20
CA PHE A 161 -16.38 -3.12 24.83
C PHE A 161 -16.68 -4.38 24.02
N MET A 162 -15.96 -4.57 22.92
CA MET A 162 -16.27 -5.64 21.96
C MET A 162 -16.08 -7.03 22.52
N SER A 163 -15.08 -7.22 23.36
CA SER A 163 -14.74 -8.55 23.83
C SER A 163 -15.73 -8.93 24.94
N SER A 164 -16.25 -7.91 25.61
CA SER A 164 -17.30 -8.07 26.64
C SER A 164 -18.63 -8.56 26.07
N ARG A 165 -18.89 -8.17 24.82
CA ARG A 165 -20.16 -8.45 24.15
C ARG A 165 -19.94 -9.23 22.85
N ARG A 166 -18.92 -10.07 22.80
CA ARG A 166 -18.45 -10.63 21.54
C ARG A 166 -19.47 -11.51 20.82
N GLN A 167 -20.34 -12.19 21.57
CA GLN A 167 -21.37 -13.01 20.93
C GLN A 167 -22.35 -12.11 20.20
N SER A 168 -22.52 -10.90 20.75
CA SER A 168 -23.39 -9.91 20.16
C SER A 168 -22.70 -9.23 18.97
N VAL A 169 -21.63 -8.47 19.25
CA VAL A 169 -21.18 -7.46 18.30
C VAL A 169 -20.16 -7.95 17.28
N LEU A 170 -19.53 -9.09 17.52
CA LEU A 170 -18.68 -9.67 16.50
C LEU A 170 -19.56 -10.53 15.59
N VAL A 171 -19.59 -10.17 14.31
CA VAL A 171 -20.54 -10.76 13.36
C VAL A 171 -19.82 -11.86 12.56
N LYS A 172 -20.60 -12.78 11.97
CA LYS A 172 -19.99 -13.91 11.28
C LYS A 172 -19.49 -13.51 9.89
N SER A 173 -20.01 -12.41 9.38
CA SER A 173 -19.71 -12.05 7.99
C SER A 173 -20.02 -10.59 7.75
N SER A 174 -19.45 -10.02 6.71
CA SER A 174 -19.78 -8.63 6.39
C SER A 174 -21.28 -8.49 6.13
N GLU A 175 -21.87 -9.52 5.49
CA GLU A 175 -23.31 -9.57 5.20
C GLU A 175 -24.11 -9.29 6.49
N GLU A 176 -23.74 -10.02 7.53
CA GLU A 176 -24.45 -9.94 8.80
C GLU A 176 -24.25 -8.55 9.40
N GLY A 177 -23.01 -8.06 9.30
CA GLY A 177 -22.66 -6.76 9.81
C GLY A 177 -23.43 -5.64 9.15
N ILE A 178 -23.56 -5.72 7.82
CA ILE A 178 -24.29 -4.69 7.09
C ILE A 178 -25.75 -4.68 7.52
N GLN A 179 -26.30 -5.86 7.71
CA GLN A 179 -27.72 -5.96 8.07
C GLN A 179 -27.92 -5.37 9.45
N ARG A 180 -26.96 -5.61 10.34
CA ARG A 180 -27.01 -5.08 11.69
C ARG A 180 -26.92 -3.55 11.71
N VAL A 181 -26.05 -2.97 10.89
CA VAL A 181 -26.01 -1.52 10.71
C VAL A 181 -27.36 -0.96 10.22
N LEU A 182 -28.00 -1.67 9.30
CA LEU A 182 -29.24 -1.20 8.68
C LEU A 182 -30.47 -1.33 9.58
N THR A 183 -30.44 -2.29 10.51
CA THR A 183 -31.64 -2.61 11.30
C THR A 183 -31.52 -2.30 12.79
N SER A 184 -30.33 -1.91 13.24
CA SER A 184 -30.16 -1.60 14.65
C SER A 184 -29.16 -0.46 14.80
N ASP A 185 -29.00 0.01 16.04
CA ASP A 185 -28.05 1.09 16.29
C ASP A 185 -26.66 0.51 16.47
N TYR A 186 -26.03 0.25 15.32
CA TYR A 186 -24.80 -0.50 15.27
C TYR A 186 -23.90 0.10 14.21
N ALA A 187 -22.60 0.12 14.49
CA ALA A 187 -21.60 0.61 13.54
C ALA A 187 -20.62 -0.51 13.29
N LEU A 188 -20.26 -0.74 12.03
CA LEU A 188 -19.39 -1.85 11.67
C LEU A 188 -18.01 -1.35 11.37
N LEU A 189 -17.03 -1.93 12.03
CA LEU A 189 -15.62 -1.67 11.72
C LEU A 189 -15.27 -2.58 10.54
N MET A 190 -14.95 -1.95 9.41
CA MET A 190 -14.91 -2.63 8.10
C MET A 190 -13.79 -1.99 7.29
N GLU A 191 -13.16 -2.80 6.46
CA GLU A 191 -12.07 -2.28 5.63
C GLU A 191 -12.60 -1.30 4.60
N SER A 192 -11.81 -0.24 4.35
CA SER A 192 -12.28 0.92 3.57
C SER A 192 -12.65 0.57 2.14
N THR A 193 -11.93 -0.35 1.54
CA THR A 193 -12.25 -0.82 0.21
C THR A 193 -13.69 -1.39 0.14
N THR A 194 -14.03 -2.21 1.14
CA THR A 194 -15.33 -2.85 1.14
C THR A 194 -16.40 -1.81 1.47
N ILE A 195 -16.07 -0.86 2.36
CA ILE A 195 -17.01 0.21 2.64
C ILE A 195 -17.32 0.99 1.36
N GLU A 196 -16.32 1.31 0.57
CA GLU A 196 -16.54 2.04 -0.67
C GLU A 196 -17.51 1.29 -1.60
N PHE A 197 -17.43 -0.04 -1.65
CA PHE A 197 -18.35 -0.82 -2.46
C PHE A 197 -19.78 -0.75 -1.91
N VAL A 198 -19.91 -0.93 -0.61
CA VAL A 198 -21.20 -0.99 0.04
C VAL A 198 -21.92 0.37 -0.05
N THR A 199 -21.18 1.45 0.15
CA THR A 199 -21.86 2.75 0.23
C THR A 199 -22.27 3.26 -1.15
N GLN A 200 -21.68 2.73 -2.20
CA GLN A 200 -22.15 3.04 -3.55
C GLN A 200 -23.46 2.31 -3.88
N ARG A 201 -23.85 1.32 -3.08
CA ARG A 201 -25.08 0.55 -3.33
C ARG A 201 -26.16 0.84 -2.29
N ASN A 202 -25.77 0.98 -1.03
CA ASN A 202 -26.70 1.27 0.04
C ASN A 202 -26.61 2.77 0.35
N CYS A 203 -27.45 3.58 -0.25
CA CYS A 203 -27.17 5.01 -0.22
C CYS A 203 -27.58 5.70 1.10
N ASN A 204 -28.19 4.95 2.02
CA ASN A 204 -28.38 5.44 3.38
C ASN A 204 -27.21 5.11 4.33
N LEU A 205 -26.11 4.55 3.81
CA LEU A 205 -24.92 4.26 4.62
C LEU A 205 -23.75 5.10 4.23
N THR A 206 -22.82 5.27 5.17
CA THR A 206 -21.64 6.06 4.90
C THR A 206 -20.42 5.62 5.69
N GLN A 207 -19.26 6.05 5.22
CA GLN A 207 -18.04 5.84 5.98
C GLN A 207 -17.97 6.96 7.01
N ILE A 208 -17.65 6.60 8.25
CA ILE A 208 -17.50 7.59 9.32
C ILE A 208 -16.01 7.79 9.57
N GLY A 209 -15.54 9.02 9.42
CA GLY A 209 -14.16 9.31 9.71
C GLY A 209 -13.26 8.83 8.59
N GLY A 210 -11.96 8.74 8.87
CA GLY A 210 -11.05 8.30 7.84
C GLY A 210 -10.57 6.89 8.14
N LEU A 211 -9.39 6.60 7.62
CA LEU A 211 -8.76 5.32 7.86
C LEU A 211 -8.06 5.36 9.22
N ILE A 212 -8.31 4.34 10.00
CA ILE A 212 -7.70 4.11 11.31
C ILE A 212 -6.27 3.61 11.16
N ASP A 213 -5.98 2.92 10.07
CA ASP A 213 -4.65 2.40 9.82
C ASP A 213 -4.42 2.34 8.29
N SER A 214 -3.30 1.79 7.89
CA SER A 214 -2.96 1.72 6.49
C SER A 214 -2.28 0.40 6.27
N LYS A 215 -2.82 -0.38 5.34
CA LYS A 215 -2.27 -1.71 5.09
C LYS A 215 -2.72 -2.16 3.69
N GLY A 216 -2.38 -3.38 3.34
CA GLY A 216 -2.69 -3.90 2.02
C GLY A 216 -3.17 -5.34 2.03
N TYR A 217 -3.82 -5.74 0.93
CA TYR A 217 -4.15 -7.13 0.67
C TYR A 217 -3.03 -7.75 -0.13
N GLY A 218 -2.68 -8.98 0.20
CA GLY A 218 -1.69 -9.73 -0.55
C GLY A 218 -2.16 -11.14 -0.81
N VAL A 219 -1.53 -11.78 -1.78
CA VAL A 219 -1.73 -13.20 -2.02
C VAL A 219 -0.94 -13.97 -0.95
N GLY A 220 -1.59 -14.93 -0.31
CA GLY A 220 -0.92 -15.74 0.69
C GLY A 220 -0.36 -16.99 0.08
N THR A 221 0.83 -17.40 0.57
CA THR A 221 1.40 -18.66 0.20
C THR A 221 1.97 -19.31 1.45
N PRO A 222 2.18 -20.62 1.41
CA PRO A 222 2.86 -21.24 2.57
C PRO A 222 4.28 -20.70 2.74
N MET A 223 4.77 -20.68 3.99
CA MET A 223 6.12 -20.23 4.24
C MET A 223 7.07 -21.00 3.36
N GLY A 224 7.91 -20.26 2.66
CA GLY A 224 8.91 -20.84 1.79
C GLY A 224 8.49 -21.15 0.39
N SER A 225 7.26 -20.80 0.03
CA SER A 225 6.79 -21.07 -1.31
C SER A 225 7.58 -20.35 -2.40
N PRO A 226 7.93 -21.08 -3.47
CA PRO A 226 8.54 -20.50 -4.67
C PRO A 226 7.61 -19.54 -5.42
N TYR A 227 6.32 -19.66 -5.19
CA TYR A 227 5.37 -18.78 -5.90
C TYR A 227 5.31 -17.35 -5.33
N ARG A 228 5.71 -17.16 -4.07
CA ARG A 228 5.53 -15.89 -3.42
C ARG A 228 6.21 -14.74 -4.24
N ASP A 229 7.49 -14.90 -4.54
CA ASP A 229 8.23 -13.84 -5.27
C ASP A 229 7.80 -13.74 -6.72
N LYS A 230 7.37 -14.84 -7.30
CA LYS A 230 6.84 -14.82 -8.65
C LYS A 230 5.54 -14.03 -8.76
N ILE A 231 4.68 -14.24 -7.78
CA ILE A 231 3.41 -13.55 -7.72
C ILE A 231 3.65 -12.06 -7.40
N THR A 232 4.58 -11.73 -6.52
CA THR A 232 4.96 -10.34 -6.30
C THR A 232 5.35 -9.64 -7.59
N ILE A 233 6.19 -10.29 -8.39
CA ILE A 233 6.67 -9.67 -9.64
C ILE A 233 5.52 -9.52 -10.64
N ALA A 234 4.62 -10.51 -10.68
CA ALA A 234 3.44 -10.41 -11.53
C ALA A 234 2.50 -9.26 -11.08
N ILE A 235 2.29 -9.10 -9.78
CA ILE A 235 1.50 -7.99 -9.27
C ILE A 235 2.12 -6.66 -9.68
N LEU A 236 3.45 -6.53 -9.58
CA LEU A 236 4.05 -5.25 -9.96
C LEU A 236 3.87 -4.95 -11.47
N GLN A 237 3.95 -5.99 -12.28
CA GLN A 237 3.70 -5.88 -13.72
C GLN A 237 2.27 -5.40 -13.97
N LEU A 238 1.31 -6.03 -13.31
CA LEU A 238 -0.11 -5.65 -13.46
C LEU A 238 -0.38 -4.24 -12.98
N GLN A 239 0.27 -3.85 -11.89
CA GLN A 239 0.13 -2.50 -11.37
C GLN A 239 0.68 -1.46 -12.35
N GLU A 240 1.87 -1.72 -12.84
CA GLU A 240 2.55 -0.75 -13.69
C GLU A 240 1.88 -0.63 -15.03
N GLU A 241 1.24 -1.71 -15.49
CA GLU A 241 0.44 -1.71 -16.74
C GLU A 241 -0.92 -1.08 -16.63
N GLY A 242 -1.37 -0.76 -15.42
CA GLY A 242 -2.66 -0.16 -15.22
C GLY A 242 -3.80 -1.18 -15.11
N LYS A 243 -3.48 -2.46 -15.10
CA LYS A 243 -4.52 -3.51 -15.10
C LYS A 243 -5.21 -3.62 -13.75
N LEU A 244 -4.49 -3.43 -12.65
CA LEU A 244 -5.15 -3.49 -11.33
C LEU A 244 -6.13 -2.36 -11.20
N HIS A 245 -5.76 -1.20 -11.74
CA HIS A 245 -6.66 -0.07 -11.69
C HIS A 245 -7.91 -0.33 -12.51
N MET A 246 -7.73 -0.92 -13.68
CA MET A 246 -8.91 -1.24 -14.50
C MET A 246 -9.83 -2.26 -13.80
N MET A 247 -9.24 -3.24 -13.14
CA MET A 247 -10.02 -4.23 -12.42
C MET A 247 -10.79 -3.60 -11.28
N LYS A 248 -10.16 -2.66 -10.59
CA LYS A 248 -10.84 -1.97 -9.50
C LYS A 248 -12.01 -1.17 -10.06
N GLU A 249 -11.81 -0.52 -11.19
CA GLU A 249 -12.92 0.25 -11.81
C GLU A 249 -14.06 -0.63 -12.23
N LYS A 250 -13.75 -1.84 -12.69
CA LYS A 250 -14.75 -2.76 -13.12
C LYS A 250 -15.66 -3.20 -11.99
N TRP A 251 -15.07 -3.47 -10.83
CA TRP A 251 -15.82 -4.11 -9.74
C TRP A 251 -16.39 -3.11 -8.74
N TRP A 252 -15.87 -1.89 -8.72
CA TRP A 252 -16.40 -0.88 -7.83
C TRP A 252 -17.31 0.15 -8.54
N ARG A 253 -17.68 -0.07 -9.80
CA ARG A 253 -18.65 0.82 -10.47
C ARG A 253 -19.89 1.12 -9.61
N SER B 2 27.83 -12.24 11.96
CA SER B 2 26.83 -12.45 13.01
C SER B 2 26.79 -11.27 13.98
N ASN B 3 27.98 -10.78 14.39
CA ASN B 3 28.09 -9.49 15.04
C ASN B 3 28.64 -8.46 14.04
N ARG B 4 28.81 -8.88 12.79
CA ARG B 4 29.20 -8.01 11.66
C ARG B 4 28.27 -6.82 11.50
N SER B 5 28.80 -5.63 11.30
CA SER B 5 27.92 -4.47 11.01
C SER B 5 27.41 -4.55 9.61
N LEU B 6 26.15 -4.14 9.41
CA LEU B 6 25.61 -4.06 8.08
C LEU B 6 26.02 -2.77 7.40
N ILE B 7 26.36 -2.87 6.13
CA ILE B 7 26.66 -1.70 5.32
C ILE B 7 25.34 -1.22 4.73
N VAL B 8 24.98 0.02 5.00
CA VAL B 8 23.71 0.58 4.52
C VAL B 8 24.00 1.62 3.46
N THR B 9 23.55 1.41 2.22
CA THR B 9 23.74 2.41 1.17
C THR B 9 22.51 3.32 1.22
N THR B 10 22.75 4.59 0.97
CA THR B 10 21.66 5.53 0.94
C THR B 10 22.08 6.73 0.11
N ILE B 11 21.19 7.71 0.04
CA ILE B 11 21.40 8.84 -0.84
C ILE B 11 20.74 10.07 -0.20
N LEU B 12 21.29 11.26 -0.40
CA LEU B 12 20.68 12.45 0.16
C LEU B 12 19.39 12.75 -0.58
N GLU B 13 18.33 12.94 0.18
CA GLU B 13 17.01 13.22 -0.41
C GLU B 13 16.13 13.77 0.72
N GLU B 14 15.74 15.05 0.63
CA GLU B 14 14.89 15.65 1.70
C GLU B 14 13.46 15.14 1.66
N PRO B 15 12.85 14.82 2.83
CA PRO B 15 13.36 14.76 4.21
C PRO B 15 13.73 13.37 4.65
N TYR B 16 14.11 12.49 3.73
CA TYR B 16 14.43 11.13 4.07
C TYR B 16 15.79 10.98 4.68
N VAL B 17 16.77 11.65 4.09
CA VAL B 17 18.19 11.58 4.50
C VAL B 17 18.81 12.94 4.21
N LEU B 18 19.30 13.58 5.25
CA LEU B 18 19.98 14.87 5.16
C LEU B 18 21.12 14.91 6.14
N PHE B 19 22.04 15.85 5.93
CA PHE B 19 23.05 16.11 6.96
C PHE B 19 22.42 16.94 8.07
N LYS B 20 22.58 16.51 9.29
CA LYS B 20 22.06 17.21 10.46
C LYS B 20 22.83 18.48 10.75
N LYS B 21 22.11 19.58 11.00
CA LYS B 21 22.70 20.79 11.60
C LYS B 21 22.62 20.65 13.12
N SER B 22 23.73 20.81 13.82
CA SER B 22 23.71 20.64 15.28
C SER B 22 24.77 21.53 15.90
N ASP B 23 24.58 21.83 17.17
CA ASP B 23 25.57 22.58 17.91
C ASP B 23 26.66 21.59 18.32
N LYS B 24 26.24 20.47 18.94
CA LYS B 24 27.14 19.43 19.39
C LYS B 24 28.00 18.86 18.26
N PRO B 25 29.18 18.34 18.62
CA PRO B 25 29.90 17.54 17.62
C PRO B 25 29.15 16.28 17.25
N LEU B 26 29.23 15.95 15.97
CA LEU B 26 28.59 14.76 15.43
C LEU B 26 29.64 13.94 14.68
N TYR B 27 29.60 12.64 14.88
CA TYR B 27 30.56 11.74 14.28
C TYR B 27 29.81 10.66 13.51
N GLY B 28 30.36 10.26 12.39
CA GLY B 28 29.94 9.01 11.76
C GLY B 28 28.48 9.00 11.37
N ASN B 29 27.78 7.91 11.72
CA ASN B 29 26.35 7.83 11.36
C ASN B 29 25.49 8.95 11.96
N ASP B 30 25.92 9.51 13.08
N ASP B 30 25.96 9.49 13.09
CA ASP B 30 25.09 10.51 13.75
CA ASP B 30 25.25 10.53 13.83
C ASP B 30 25.12 11.85 13.00
C ASP B 30 25.14 11.83 13.01
N ARG B 31 25.89 11.92 11.92
CA ARG B 31 25.89 13.12 11.09
C ARG B 31 24.62 13.25 10.24
N PHE B 32 23.86 12.17 10.15
CA PHE B 32 22.67 12.13 9.28
C PHE B 32 21.39 12.14 10.07
N GLU B 33 20.34 12.69 9.47
CA GLU B 33 18.99 12.60 10.05
C GLU B 33 17.96 12.50 8.94
N GLY B 34 16.72 12.25 9.35
CA GLY B 34 15.62 12.17 8.40
C GLY B 34 14.72 10.98 8.63
N TYR B 35 13.64 10.88 7.86
CA TYR B 35 12.71 9.77 8.01
C TYR B 35 13.38 8.42 7.84
N CYS B 36 14.24 8.26 6.83
CA CYS B 36 14.85 6.97 6.60
C CYS B 36 15.89 6.65 7.65
N ILE B 37 16.54 7.70 8.20
CA ILE B 37 17.48 7.49 9.29
C ILE B 37 16.73 7.05 10.56
N ASP B 38 15.61 7.68 10.85
CA ASP B 38 14.75 7.23 11.95
C ASP B 38 14.29 5.78 11.75
N LEU B 39 13.91 5.42 10.53
CA LEU B 39 13.51 4.04 10.26
C LEU B 39 14.66 3.08 10.48
N LEU B 40 15.85 3.44 9.99
CA LEU B 40 17.01 2.60 10.14
C LEU B 40 17.34 2.39 11.63
N ARG B 41 17.24 3.44 12.42
CA ARG B 41 17.50 3.34 13.86
C ARG B 41 16.53 2.40 14.53
N GLU B 42 15.26 2.50 14.18
CA GLU B 42 14.27 1.57 14.72
C GLU B 42 14.54 0.12 14.28
N LEU B 43 14.80 -0.10 13.00
CA LEU B 43 15.12 -1.44 12.53
C LEU B 43 16.33 -2.02 13.24
N SER B 44 17.34 -1.19 13.50
N SER B 44 17.34 -1.18 13.46
CA SER B 44 18.57 -1.74 14.08
CA SER B 44 18.57 -1.62 14.11
C SER B 44 18.31 -2.16 15.52
C SER B 44 18.28 -2.16 15.50
N THR B 45 17.43 -1.44 16.21
CA THR B 45 17.05 -1.80 17.56
C THR B 45 16.16 -3.04 17.60
N ILE B 46 15.18 -3.11 16.71
CA ILE B 46 14.23 -4.22 16.72
C ILE B 46 14.91 -5.50 16.33
N LEU B 47 15.77 -5.42 15.32
CA LEU B 47 16.41 -6.63 14.78
C LEU B 47 17.80 -6.89 15.35
N GLY B 48 18.37 -5.91 16.04
CA GLY B 48 19.61 -6.11 16.76
C GLY B 48 20.84 -6.19 15.88
N PHE B 49 21.03 -5.18 15.03
CA PHE B 49 22.23 -5.11 14.23
C PHE B 49 22.87 -3.76 14.40
N THR B 50 24.16 -3.71 14.14
CA THR B 50 24.87 -2.45 14.03
C THR B 50 25.10 -2.18 12.56
N TYR B 51 25.43 -0.95 12.22
CA TYR B 51 25.46 -0.59 10.81
C TYR B 51 26.39 0.58 10.53
N GLU B 52 26.74 0.72 9.25
CA GLU B 52 27.53 1.85 8.76
C GLU B 52 26.82 2.47 7.56
N ILE B 53 26.47 3.74 7.65
CA ILE B 53 25.83 4.43 6.54
C ILE B 53 26.87 4.92 5.53
N ARG B 54 26.63 4.60 4.28
CA ARG B 54 27.45 5.09 3.17
C ARG B 54 26.64 5.70 2.05
N LEU B 55 27.00 6.89 1.62
CA LEU B 55 26.35 7.57 0.52
C LEU B 55 26.78 6.95 -0.80
N VAL B 56 25.80 6.61 -1.62
CA VAL B 56 26.09 5.91 -2.88
C VAL B 56 26.99 6.67 -3.85
N GLU B 57 27.92 5.92 -4.43
CA GLU B 57 29.03 6.52 -5.17
C GLU B 57 28.62 7.28 -6.41
N ASP B 58 27.57 6.85 -7.10
CA ASP B 58 27.19 7.56 -8.30
C ASP B 58 25.98 8.48 -8.14
N GLY B 59 25.50 8.66 -6.91
CA GLY B 59 24.36 9.53 -6.70
C GLY B 59 23.09 9.12 -7.40
N LYS B 60 22.90 7.81 -7.57
CA LYS B 60 21.74 7.25 -8.28
C LYS B 60 21.00 6.21 -7.43
N TYR B 61 19.70 6.13 -7.71
CA TYR B 61 18.88 5.13 -7.06
C TYR B 61 19.09 3.76 -7.67
N GLY B 62 18.98 3.66 -8.97
CA GLY B 62 19.26 2.39 -9.62
C GLY B 62 18.44 2.16 -10.87
N ALA B 63 19.15 2.12 -12.00
CA ALA B 63 18.55 1.80 -13.29
C ALA B 63 19.45 0.89 -14.12
N GLN B 64 18.85 0.24 -15.12
CA GLN B 64 19.57 -0.69 -15.99
C GLN B 64 19.89 -0.02 -17.33
N ASP B 65 21.14 -0.12 -17.73
CA ASP B 65 21.60 0.43 -19.00
C ASP B 65 20.96 -0.34 -20.15
N ASP B 66 20.37 0.37 -21.10
CA ASP B 66 19.57 -0.26 -22.13
C ASP B 66 20.43 -0.97 -23.18
N VAL B 67 21.74 -0.75 -23.16
CA VAL B 67 22.65 -1.37 -24.12
C VAL B 67 23.49 -2.50 -23.50
N ASN B 68 24.18 -2.27 -22.39
CA ASN B 68 24.98 -3.35 -21.79
C ASN B 68 24.33 -4.08 -20.61
N GLY B 69 23.10 -3.71 -20.25
CA GLY B 69 22.35 -4.42 -19.22
C GLY B 69 22.89 -4.28 -17.79
N GLN B 70 23.91 -3.45 -17.58
CA GLN B 70 24.48 -3.24 -16.24
C GLN B 70 23.62 -2.27 -15.41
N TRP B 71 23.52 -2.54 -14.12
CA TRP B 71 22.84 -1.65 -13.18
C TRP B 71 23.79 -0.61 -12.58
N ASN B 72 23.20 0.48 -12.11
CA ASN B 72 23.90 1.49 -11.35
C ASN B 72 23.21 1.78 -10.00
N GLY B 73 23.71 2.80 -9.29
CA GLY B 73 23.07 3.23 -8.07
C GLY B 73 23.10 2.26 -6.91
N MET B 74 22.16 2.48 -6.01
CA MET B 74 22.01 1.61 -4.86
C MET B 74 21.68 0.16 -5.26
N VAL B 75 20.88 0.00 -6.31
CA VAL B 75 20.54 -1.32 -6.79
C VAL B 75 21.80 -2.10 -7.16
N ARG B 76 22.71 -1.48 -7.88
CA ARG B 76 23.98 -2.12 -8.20
C ARG B 76 24.81 -2.47 -6.95
N GLU B 77 24.82 -1.61 -5.92
CA GLU B 77 25.55 -1.92 -4.68
C GLU B 77 24.99 -3.18 -4.04
N LEU B 78 23.68 -3.36 -4.12
CA LEU B 78 23.08 -4.55 -3.55
C LEU B 78 23.40 -5.80 -4.38
N ILE B 79 23.26 -5.69 -5.69
CA ILE B 79 23.49 -6.82 -6.57
C ILE B 79 24.91 -7.37 -6.34
N ASP B 80 25.85 -6.46 -6.17
CA ASP B 80 27.25 -6.82 -6.04
C ASP B 80 27.66 -7.14 -4.61
N HIS B 81 26.71 -7.13 -3.69
CA HIS B 81 26.93 -7.39 -2.29
C HIS B 81 27.91 -6.42 -1.65
N LYS B 82 27.93 -5.18 -2.14
CA LYS B 82 28.68 -4.14 -1.51
C LYS B 82 27.90 -3.50 -0.38
N ALA B 83 26.57 -3.57 -0.42
CA ALA B 83 25.77 -3.15 0.69
C ALA B 83 24.88 -4.28 1.15
N ASP B 84 24.50 -4.24 2.41
CA ASP B 84 23.53 -5.18 2.97
C ASP B 84 22.10 -4.72 2.80
N LEU B 85 21.93 -3.41 2.96
CA LEU B 85 20.61 -2.76 2.92
C LEU B 85 20.72 -1.44 2.16
N ALA B 86 19.66 -1.09 1.45
CA ALA B 86 19.48 0.24 0.88
C ALA B 86 18.30 0.84 1.62
N VAL B 87 18.55 1.81 2.48
CA VAL B 87 17.48 2.42 3.25
C VAL B 87 17.36 3.84 2.74
N ALA B 88 16.32 4.05 1.96
CA ALA B 88 16.15 5.21 1.11
C ALA B 88 14.73 5.08 0.54
N PRO B 89 14.18 6.17 -0.06
CA PRO B 89 12.87 6.04 -0.69
C PRO B 89 13.06 5.36 -2.07
N LEU B 90 13.38 4.07 -2.02
CA LEU B 90 13.65 3.27 -3.21
C LEU B 90 12.34 2.68 -3.71
N THR B 91 11.88 3.12 -4.87
CA THR B 91 10.58 2.67 -5.36
C THR B 91 10.63 1.21 -5.74
N ILE B 92 9.61 0.48 -5.28
CA ILE B 92 9.49 -0.95 -5.59
C ILE B 92 8.91 -1.07 -7.00
N THR B 93 9.71 -1.54 -7.93
CA THR B 93 9.25 -1.65 -9.32
C THR B 93 9.53 -3.04 -9.85
N TYR B 94 8.82 -3.41 -10.90
CA TYR B 94 8.96 -4.68 -11.56
C TYR B 94 10.39 -4.98 -11.96
N VAL B 95 11.05 -4.04 -12.65
N VAL B 95 11.05 -4.06 -12.66
CA VAL B 95 12.38 -4.31 -13.14
CA VAL B 95 12.40 -4.32 -13.16
C VAL B 95 13.39 -4.48 -12.01
C VAL B 95 13.42 -4.44 -12.02
N ARG B 96 13.23 -3.70 -10.93
CA ARG B 96 14.14 -3.83 -9.78
C ARG B 96 13.88 -5.10 -8.96
N GLU B 97 12.61 -5.46 -8.78
CA GLU B 97 12.28 -6.57 -7.91
C GLU B 97 12.78 -7.89 -8.53
N LYS B 98 13.01 -7.89 -9.83
CA LYS B 98 13.59 -9.06 -10.48
C LYS B 98 15.05 -9.29 -10.13
N VAL B 99 15.75 -8.25 -9.65
CA VAL B 99 17.21 -8.35 -9.44
C VAL B 99 17.65 -8.14 -8.02
N ILE B 100 16.83 -7.53 -7.17
CA ILE B 100 17.07 -7.44 -5.73
C ILE B 100 15.80 -7.90 -5.00
N ASP B 101 15.90 -8.02 -3.68
CA ASP B 101 14.78 -8.38 -2.82
C ASP B 101 14.33 -7.18 -1.95
N PHE B 102 13.13 -6.69 -2.16
CA PHE B 102 12.62 -5.56 -1.41
C PHE B 102 11.87 -6.03 -0.19
N SER B 103 11.96 -5.28 0.88
CA SER B 103 10.96 -5.38 1.93
C SER B 103 9.61 -4.96 1.43
N LYS B 104 8.57 -5.28 2.18
CA LYS B 104 7.27 -4.69 1.92
C LYS B 104 7.37 -3.18 2.14
N PRO B 105 6.48 -2.40 1.54
CA PRO B 105 6.66 -0.94 1.53
C PRO B 105 6.50 -0.28 2.89
N PHE B 106 7.41 0.61 3.25
CA PHE B 106 7.20 1.41 4.43
C PHE B 106 6.38 2.66 4.19
N MET B 107 6.18 3.02 2.91
CA MET B 107 5.32 4.12 2.51
C MET B 107 4.63 3.72 1.20
N THR B 108 3.33 3.99 1.05
CA THR B 108 2.63 3.76 -0.22
C THR B 108 2.08 5.11 -0.69
N LEU B 109 2.12 5.35 -1.99
CA LEU B 109 1.96 6.68 -2.55
C LEU B 109 1.57 6.54 -4.01
N GLY B 110 1.56 7.65 -4.75
CA GLY B 110 1.29 7.61 -6.19
C GLY B 110 1.55 8.98 -6.78
N ILE B 111 1.38 9.07 -8.07
CA ILE B 111 1.50 10.34 -8.77
C ILE B 111 0.26 11.14 -8.46
N SER B 112 0.41 12.44 -8.26
CA SER B 112 -0.76 13.31 -8.21
C SER B 112 -0.42 14.71 -8.78
N ILE B 113 -1.29 15.67 -8.53
CA ILE B 113 -1.23 17.00 -9.14
C ILE B 113 -1.04 18.08 -8.12
N LEU B 114 -0.04 18.93 -8.31
CA LEU B 114 0.15 20.12 -7.50
C LEU B 114 -0.35 21.34 -8.23
N TYR B 115 -1.22 22.11 -7.57
CA TYR B 115 -1.83 23.26 -8.21
C TYR B 115 -2.20 24.27 -7.15
N ARG B 116 -2.53 25.50 -7.55
CA ARG B 116 -2.92 26.50 -6.58
C ARG B 116 -4.33 26.19 -6.07
N LYS B 117 -4.62 26.70 -4.89
CA LYS B 117 -5.93 26.51 -4.25
C LYS B 117 -6.94 27.42 -4.90
N GLY B 118 -8.21 27.06 -4.77
CA GLY B 118 -9.30 27.97 -5.05
C GLY B 118 -9.83 27.98 -6.46
N THR B 119 -9.60 26.89 -7.17
CA THR B 119 -10.01 26.74 -8.55
C THR B 119 -11.00 25.59 -8.65
N PRO B 120 -11.63 25.42 -9.82
CA PRO B 120 -12.59 24.33 -10.03
C PRO B 120 -11.98 23.04 -10.55
N ILE B 121 -10.67 23.04 -10.81
CA ILE B 121 -10.00 21.84 -11.28
C ILE B 121 -9.96 20.83 -10.15
N ASP B 122 -10.33 19.60 -10.46
CA ASP B 122 -10.52 18.60 -9.42
C ASP B 122 -9.96 17.22 -9.80
N SER B 123 -9.43 17.09 -11.01
CA SER B 123 -8.95 15.81 -11.50
C SER B 123 -8.01 15.98 -12.66
N ALA B 124 -7.28 14.91 -13.02
CA ALA B 124 -6.43 14.91 -14.20
C ALA B 124 -7.28 15.04 -15.47
N ASP B 125 -8.53 14.60 -15.39
CA ASP B 125 -9.43 14.69 -16.53
C ASP B 125 -9.69 16.16 -16.87
N ASP B 126 -9.97 16.96 -15.85
CA ASP B 126 -10.22 18.38 -16.03
C ASP B 126 -9.05 19.10 -16.70
N LEU B 127 -7.83 18.63 -16.43
CA LEU B 127 -6.66 19.18 -17.07
C LEU B 127 -6.54 18.66 -18.49
N ALA B 128 -6.85 17.38 -18.68
CA ALA B 128 -6.59 16.73 -19.95
C ALA B 128 -7.50 17.28 -21.05
N LYS B 129 -8.70 17.69 -20.67
CA LYS B 129 -9.71 18.13 -21.64
C LYS B 129 -9.71 19.66 -21.82
N GLN B 130 -8.57 20.30 -21.58
CA GLN B 130 -8.43 21.72 -21.85
C GLN B 130 -6.99 22.09 -22.18
N THR B 131 -6.75 23.37 -22.47
CA THR B 131 -5.44 23.83 -22.92
C THR B 131 -5.02 25.17 -22.31
N LYS B 132 -5.97 25.85 -21.70
CA LYS B 132 -5.69 27.14 -21.06
C LYS B 132 -4.69 27.01 -19.90
N ILE B 133 -4.96 26.05 -19.01
CA ILE B 133 -4.06 25.74 -17.89
C ILE B 133 -2.97 24.79 -18.36
N GLU B 134 -1.72 25.23 -18.31
CA GLU B 134 -0.64 24.36 -18.72
C GLU B 134 -0.32 23.38 -17.59
N TYR B 135 0.26 22.24 -17.93
CA TYR B 135 0.66 21.27 -16.90
C TYR B 135 1.83 20.47 -17.44
N GLY B 136 2.66 19.96 -16.54
CA GLY B 136 3.82 19.24 -16.95
C GLY B 136 4.43 18.51 -15.78
N ALA B 137 5.70 18.24 -15.90
CA ALA B 137 6.42 17.38 -14.99
C ALA B 137 7.88 17.67 -15.08
N VAL B 138 8.65 17.16 -14.14
CA VAL B 138 10.09 17.27 -14.21
C VAL B 138 10.61 16.34 -15.30
N GLU B 139 11.40 16.91 -16.20
CA GLU B 139 11.89 16.18 -17.33
C GLU B 139 12.72 14.97 -16.88
N ASP B 140 12.42 13.81 -17.46
CA ASP B 140 13.18 12.54 -17.22
C ASP B 140 13.00 11.93 -15.84
N GLY B 141 12.05 12.44 -15.06
CA GLY B 141 11.80 11.85 -13.75
C GLY B 141 10.87 10.68 -13.87
N SER B 142 10.58 10.02 -12.74
CA SER B 142 9.71 8.86 -12.76
C SER B 142 8.31 9.23 -13.17
N THR B 143 7.85 10.40 -12.77
CA THR B 143 6.50 10.81 -13.12
C THR B 143 6.37 11.03 -14.61
N MET B 144 7.32 11.73 -15.20
CA MET B 144 7.22 11.95 -16.65
C MET B 144 7.21 10.59 -17.38
N THR B 145 8.09 9.71 -16.93
CA THR B 145 8.21 8.35 -17.49
C THR B 145 6.89 7.58 -17.45
N PHE B 146 6.15 7.67 -16.34
CA PHE B 146 4.83 7.08 -16.27
C PHE B 146 3.93 7.55 -17.40
N PHE B 147 3.88 8.85 -17.62
CA PHE B 147 2.98 9.41 -18.64
C PHE B 147 3.43 9.01 -20.02
N LYS B 148 4.74 8.93 -20.20
CA LYS B 148 5.27 8.62 -21.54
C LYS B 148 4.81 7.22 -21.97
N LYS B 149 4.36 6.41 -21.00
CA LYS B 149 4.06 5.00 -21.22
C LYS B 149 2.60 4.61 -20.99
N SER B 150 1.83 5.42 -20.29
CA SER B 150 0.47 5.05 -19.99
C SER B 150 -0.28 4.83 -21.29
N LYS B 151 -0.99 3.72 -21.37
CA LYS B 151 -1.92 3.52 -22.46
C LYS B 151 -3.30 3.87 -21.95
N ILE B 152 -3.38 4.34 -20.71
CA ILE B 152 -4.65 4.80 -20.18
C ILE B 152 -5.01 6.05 -20.97
N SER B 153 -6.30 6.28 -21.19
CA SER B 153 -6.73 7.30 -22.15
C SER B 153 -6.27 8.68 -21.74
N THR B 154 -6.81 9.15 -20.63
CA THR B 154 -6.51 10.48 -20.11
C THR B 154 -4.99 10.75 -20.10
N TYR B 155 -4.23 9.81 -19.56
CA TYR B 155 -2.80 10.02 -19.36
C TYR B 155 -2.06 10.00 -20.68
N ASP B 156 -2.57 9.23 -21.64
CA ASP B 156 -1.99 9.27 -22.97
C ASP B 156 -2.22 10.63 -23.64
N LYS B 157 -3.39 11.22 -23.44
CA LYS B 157 -3.66 12.55 -23.97
C LYS B 157 -2.76 13.60 -23.30
N MET B 158 -2.59 13.44 -22.00
CA MET B 158 -1.78 14.37 -21.23
C MET B 158 -0.36 14.35 -21.75
N TRP B 159 0.12 13.16 -22.11
CA TRP B 159 1.47 13.06 -22.57
C TRP B 159 1.63 13.63 -23.97
N ALA B 160 0.60 13.48 -24.82
CA ALA B 160 0.58 14.11 -26.12
C ALA B 160 0.86 15.61 -25.97
N PHE B 161 0.10 16.23 -25.07
CA PHE B 161 0.24 17.66 -24.76
C PHE B 161 1.63 18.01 -24.23
N MET B 162 2.06 17.29 -23.19
CA MET B 162 3.35 17.59 -22.58
C MET B 162 4.49 17.43 -23.57
N SER B 163 4.43 16.36 -24.36
CA SER B 163 5.51 16.08 -25.30
C SER B 163 5.59 17.17 -26.38
N SER B 164 4.45 17.60 -26.88
CA SER B 164 4.44 18.61 -27.93
C SER B 164 4.93 19.94 -27.39
N ARG B 165 4.43 20.35 -26.23
N ARG B 165 4.44 20.31 -26.20
CA ARG B 165 4.81 21.63 -25.64
CA ARG B 165 4.78 21.60 -25.59
C ARG B 165 5.91 21.46 -24.61
C ARG B 165 5.92 21.46 -24.59
N ARG B 166 6.80 20.48 -24.82
CA ARG B 166 7.82 20.16 -23.81
C ARG B 166 8.75 21.31 -23.47
N GLN B 167 9.10 22.16 -24.41
CA GLN B 167 10.00 23.24 -24.04
C GLN B 167 9.31 24.21 -23.08
N SER B 168 7.98 24.26 -23.17
CA SER B 168 7.19 25.15 -22.34
C SER B 168 6.76 24.54 -21.01
N VAL B 169 6.51 23.23 -20.94
CA VAL B 169 5.88 22.67 -19.74
C VAL B 169 6.66 21.61 -18.97
N LEU B 170 7.73 21.04 -19.55
CA LEU B 170 8.60 20.14 -18.80
C LEU B 170 9.68 21.01 -18.22
N VAL B 171 9.95 20.83 -16.92
CA VAL B 171 10.85 21.68 -16.18
C VAL B 171 12.05 20.80 -15.80
N LYS B 172 13.21 21.40 -15.52
CA LYS B 172 14.41 20.63 -15.25
C LYS B 172 14.54 20.23 -13.80
N SER B 173 13.75 20.84 -12.93
CA SER B 173 13.84 20.51 -11.50
C SER B 173 12.51 20.73 -10.79
N SER B 174 12.33 19.99 -9.70
N SER B 174 12.34 20.14 -9.61
CA SER B 174 11.16 20.13 -8.87
CA SER B 174 11.11 20.35 -8.88
C SER B 174 11.00 21.57 -8.46
C SER B 174 10.90 21.81 -8.45
N GLU B 175 12.11 22.18 -8.07
N GLU B 175 11.96 22.50 -7.99
CA GLU B 175 12.09 23.55 -7.57
CA GLU B 175 11.75 23.88 -7.55
C GLU B 175 11.56 24.53 -8.63
C GLU B 175 11.34 24.79 -8.72
N GLU B 176 11.98 24.36 -9.88
N GLU B 176 11.92 24.54 -9.89
CA GLU B 176 11.46 25.20 -10.97
CA GLU B 176 11.49 25.25 -11.09
C GLU B 176 9.98 25.01 -11.18
C GLU B 176 10.00 25.00 -11.32
N GLY B 177 9.58 23.75 -11.13
CA GLY B 177 8.19 23.39 -11.27
C GLY B 177 7.30 24.05 -10.22
N ILE B 178 7.73 24.01 -8.96
CA ILE B 178 6.96 24.62 -7.89
C ILE B 178 6.84 26.14 -8.12
N GLN B 179 7.92 26.79 -8.54
CA GLN B 179 7.80 28.22 -8.88
C GLN B 179 6.84 28.54 -10.00
N ARG B 180 6.77 27.68 -11.01
CA ARG B 180 5.84 27.83 -12.06
C ARG B 180 4.40 27.72 -11.58
N VAL B 181 4.13 26.80 -10.66
CA VAL B 181 2.79 26.67 -10.11
C VAL B 181 2.44 27.96 -9.36
N LEU B 182 3.41 28.51 -8.63
CA LEU B 182 3.17 29.70 -7.79
C LEU B 182 2.98 30.98 -8.60
N THR B 183 3.58 31.07 -9.78
CA THR B 183 3.69 32.37 -10.47
C THR B 183 2.97 32.38 -11.80
N SER B 184 2.33 31.27 -12.16
CA SER B 184 1.67 31.18 -13.44
C SER B 184 0.56 30.15 -13.39
N ASP B 185 -0.20 30.05 -14.46
CA ASP B 185 -1.39 29.22 -14.43
C ASP B 185 -0.97 27.84 -14.90
N TYR B 186 -0.38 27.09 -13.96
CA TYR B 186 0.31 25.85 -14.28
C TYR B 186 0.12 24.84 -13.17
N ALA B 187 -0.02 23.59 -13.56
CA ALA B 187 -0.11 22.48 -12.62
C ALA B 187 1.05 21.54 -12.84
N LEU B 188 1.56 20.97 -11.75
CA LEU B 188 2.74 20.11 -11.80
C LEU B 188 2.37 18.68 -11.37
N LEU B 189 2.67 17.71 -12.23
CA LEU B 189 2.49 16.29 -11.92
C LEU B 189 3.73 15.80 -11.18
N MET B 190 3.55 15.20 -10.01
CA MET B 190 4.71 14.74 -9.21
C MET B 190 4.27 13.67 -8.21
N GLU B 191 5.22 13.08 -7.50
CA GLU B 191 4.90 12.03 -6.53
C GLU B 191 4.20 12.68 -5.35
N SER B 192 3.20 11.99 -4.82
CA SER B 192 2.32 12.52 -3.78
C SER B 192 3.07 12.81 -2.46
N THR B 193 4.15 12.08 -2.20
CA THR B 193 5.02 12.35 -1.03
C THR B 193 5.67 13.73 -1.15
N THR B 194 6.19 14.05 -2.34
CA THR B 194 6.73 15.38 -2.58
C THR B 194 5.66 16.43 -2.51
N ILE B 195 4.49 16.16 -3.09
CA ILE B 195 3.42 17.12 -3.04
C ILE B 195 3.03 17.45 -1.60
N GLU B 196 2.95 16.45 -0.75
CA GLU B 196 2.63 16.70 0.65
C GLU B 196 3.68 17.55 1.35
N PHE B 197 4.96 17.29 1.05
CA PHE B 197 6.02 18.06 1.63
C PHE B 197 5.88 19.53 1.23
N VAL B 198 5.56 19.74 -0.02
CA VAL B 198 5.41 21.08 -0.57
C VAL B 198 4.19 21.81 -0.01
N THR B 199 3.08 21.12 0.07
CA THR B 199 1.84 21.79 0.46
C THR B 199 1.85 22.07 1.95
N GLN B 200 2.64 21.34 2.72
CA GLN B 200 2.80 21.67 4.13
C GLN B 200 3.58 22.95 4.32
N ARG B 201 4.30 23.40 3.28
CA ARG B 201 5.21 24.54 3.36
C ARG B 201 4.77 25.68 2.46
N ASN B 202 3.70 25.47 1.70
CA ASN B 202 3.17 26.44 0.77
C ASN B 202 1.67 26.44 0.89
N CYS B 203 1.17 27.29 1.79
CA CYS B 203 -0.22 27.20 2.21
C CYS B 203 -1.22 27.53 1.11
N ASN B 204 -0.83 28.12 -0.01
N ASN B 204 -0.69 28.19 0.07
CA ASN B 204 -1.85 28.33 -1.08
CA ASN B 204 -1.45 28.60 -1.10
C ASN B 204 -1.84 27.29 -2.17
C ASN B 204 -1.48 27.56 -2.25
N LEU B 205 -0.95 26.34 -2.03
CA LEU B 205 -0.96 25.22 -2.96
C LEU B 205 -1.72 24.01 -2.38
N THR B 206 -2.16 23.12 -3.25
CA THR B 206 -2.89 21.93 -2.84
C THR B 206 -2.69 20.76 -3.79
N GLN B 207 -2.94 19.54 -3.29
CA GLN B 207 -3.03 18.42 -4.19
C GLN B 207 -4.38 18.43 -4.89
N ILE B 208 -4.39 18.16 -6.17
CA ILE B 208 -5.64 18.07 -6.93
C ILE B 208 -5.94 16.62 -7.22
N GLY B 209 -7.10 16.15 -6.77
CA GLY B 209 -7.51 14.82 -7.14
C GLY B 209 -6.81 13.83 -6.23
N GLY B 210 -6.93 12.58 -6.60
CA GLY B 210 -6.33 11.52 -5.82
C GLY B 210 -5.06 11.05 -6.50
N LEU B 211 -4.74 9.79 -6.26
CA LEU B 211 -3.55 9.21 -6.85
C LEU B 211 -3.83 8.66 -8.23
N ILE B 212 -2.85 8.86 -9.11
CA ILE B 212 -2.92 8.52 -10.53
C ILE B 212 -2.33 7.14 -10.82
N ASP B 213 -1.37 6.72 -9.99
CA ASP B 213 -0.88 5.33 -10.03
C ASP B 213 -0.68 4.94 -8.56
N SER B 214 -0.16 3.76 -8.32
CA SER B 214 0.07 3.32 -6.95
C SER B 214 1.44 2.67 -6.93
N LYS B 215 2.27 3.07 -5.97
CA LYS B 215 3.50 2.40 -5.76
C LYS B 215 4.00 2.64 -4.33
N GLY B 216 5.01 1.88 -3.94
CA GLY B 216 5.57 1.96 -2.61
C GLY B 216 7.08 2.14 -2.62
N TYR B 217 7.59 2.64 -1.50
CA TYR B 217 9.03 2.66 -1.21
C TYR B 217 9.34 1.50 -0.29
N GLY B 218 10.41 0.74 -0.57
CA GLY B 218 10.83 -0.37 0.26
C GLY B 218 12.30 -0.32 0.59
N VAL B 219 12.70 -1.05 1.63
CA VAL B 219 14.12 -1.27 1.89
C VAL B 219 14.64 -2.31 0.92
N GLY B 220 15.72 -1.99 0.22
CA GLY B 220 16.32 -2.94 -0.68
C GLY B 220 17.34 -3.85 0.01
N THR B 221 17.36 -5.13 -0.38
CA THR B 221 18.39 -6.06 0.09
C THR B 221 18.84 -6.86 -1.12
N PRO B 222 20.01 -7.48 -1.03
CA PRO B 222 20.41 -8.38 -2.12
C PRO B 222 19.46 -9.58 -2.23
N MET B 223 19.32 -10.12 -3.44
CA MET B 223 18.46 -11.28 -3.66
C MET B 223 18.92 -12.40 -2.71
N GLY B 224 17.96 -13.00 -2.00
CA GLY B 224 18.28 -14.07 -1.08
C GLY B 224 18.64 -13.65 0.33
N SER B 225 18.64 -12.34 0.62
CA SER B 225 19.01 -11.87 1.95
C SER B 225 18.08 -12.35 3.02
N PRO B 226 18.61 -12.86 4.15
CA PRO B 226 17.79 -13.20 5.30
C PRO B 226 17.19 -12.00 6.01
N TYR B 227 17.74 -10.82 5.77
CA TYR B 227 17.17 -9.65 6.43
C TYR B 227 15.86 -9.18 5.80
N ARG B 228 15.60 -9.55 4.54
CA ARG B 228 14.42 -9.05 3.85
C ARG B 228 13.13 -9.30 4.63
N ASP B 229 12.85 -10.57 4.94
CA ASP B 229 11.62 -10.90 5.68
C ASP B 229 11.60 -10.40 7.10
N LYS B 230 12.77 -10.27 7.74
CA LYS B 230 12.81 -9.70 9.10
C LYS B 230 12.44 -8.21 9.11
N ILE B 231 12.93 -7.50 8.11
CA ILE B 231 12.65 -6.07 7.96
C ILE B 231 11.18 -5.87 7.61
N THR B 232 10.68 -6.71 6.73
CA THR B 232 9.23 -6.68 6.41
C THR B 232 8.37 -6.81 7.66
N ILE B 233 8.66 -7.81 8.50
CA ILE B 233 7.85 -7.99 9.72
C ILE B 233 8.02 -6.81 10.65
N ALA B 234 9.23 -6.28 10.76
CA ALA B 234 9.43 -5.11 11.62
C ALA B 234 8.68 -3.88 11.11
N ILE B 235 8.70 -3.67 9.78
CA ILE B 235 7.96 -2.56 9.18
C ILE B 235 6.45 -2.71 9.42
N LEU B 236 5.91 -3.91 9.24
CA LEU B 236 4.49 -4.13 9.46
C LEU B 236 4.08 -3.85 10.90
N GLN B 237 4.92 -4.25 11.84
CA GLN B 237 4.65 -3.96 13.24
C GLN B 237 4.72 -2.47 13.59
N LEU B 238 5.75 -1.79 13.09
CA LEU B 238 5.84 -0.34 13.19
C LEU B 238 4.63 0.36 12.61
N GLN B 239 4.10 -0.13 11.48
CA GLN B 239 2.93 0.47 10.91
C GLN B 239 1.72 0.30 11.82
N GLU B 240 1.51 -0.92 12.27
CA GLU B 240 0.33 -1.25 13.05
C GLU B 240 0.35 -0.51 14.38
N GLU B 241 1.53 -0.35 14.95
CA GLU B 241 1.67 0.39 16.20
C GLU B 241 1.49 1.89 16.05
N GLY B 242 1.40 2.40 14.82
CA GLY B 242 1.24 3.83 14.55
C GLY B 242 2.55 4.60 14.47
N LYS B 243 3.66 3.88 14.57
CA LYS B 243 4.93 4.56 14.65
C LYS B 243 5.41 5.14 13.33
N LEU B 244 5.09 4.50 12.20
CA LEU B 244 5.53 5.06 10.91
C LEU B 244 4.72 6.28 10.58
N HIS B 245 3.47 6.28 10.99
CA HIS B 245 2.66 7.44 10.81
C HIS B 245 3.23 8.63 11.62
N MET B 246 3.68 8.36 12.85
CA MET B 246 4.29 9.41 13.66
C MET B 246 5.57 9.95 13.00
N MET B 247 6.36 9.04 12.45
CA MET B 247 7.61 9.38 11.79
C MET B 247 7.35 10.25 10.55
N LYS B 248 6.32 9.89 9.78
CA LYS B 248 5.95 10.67 8.65
C LYS B 248 5.53 12.08 9.06
N GLU B 249 4.71 12.21 10.08
CA GLU B 249 4.28 13.53 10.51
C GLU B 249 5.46 14.33 11.02
N LYS B 250 6.41 13.70 11.70
CA LYS B 250 7.56 14.39 12.24
C LYS B 250 8.32 15.10 11.12
N TRP B 251 8.55 14.40 10.01
CA TRP B 251 9.40 14.92 8.94
C TRP B 251 8.65 15.71 7.86
N TRP B 252 7.33 15.53 7.74
CA TRP B 252 6.57 16.24 6.73
C TRP B 252 5.83 17.49 7.24
N ARG B 253 5.42 17.53 8.51
CA ARG B 253 4.56 18.66 8.93
C ARG B 253 5.29 19.99 8.90
N GLY B 254 4.60 21.03 8.44
CA GLY B 254 5.22 22.34 8.27
C GLY B 254 5.05 23.20 9.50
#